data_9B0A
#
_entry.id   9B0A
#
_cell.length_a   26.878
_cell.length_b   31.631
_cell.length_c   69.783
_cell.angle_alpha   88.860
_cell.angle_beta   87.080
_cell.angle_gamma   89.240
#
_symmetry.space_group_name_H-M   'P 1'
#
loop_
_entity.id
_entity.type
_entity.pdbx_description
1 polymer 'GA10 nanobody'
2 polymer 'Cyclized peptide'
3 water water
#
loop_
_entity_poly.entity_id
_entity_poly.type
_entity_poly.pdbx_seq_one_letter_code
_entity_poly.pdbx_strand_id
1 'polypeptide(L)'
;MSKYLLPTAAAGLLLLAAQPAMAGSSSQVQLVESGGGLVQAGGSLRLSCAASGFPVYWNSMYWYRQAPGKEREWVAAITS
QGGGTEYADSVKGRFTISRDNAKNTVYLQMNSLKPEDTAVYYCTVGVGVSYRGQGTQVTVSAGRAGEQKLISEEDLNSAV
DHHHHHH
;
A,B
2 'polypeptide(L)' CGPIPVLDENGLFAPGPC C,D
#
# COMPACT_ATOMS: atom_id res chain seq x y z
N SER A 25 15.49 8.81 1.55
CA SER A 25 15.78 9.90 0.63
C SER A 25 14.52 10.71 0.32
N SER A 26 14.50 11.97 0.77
CA SER A 26 13.41 12.87 0.41
C SER A 26 13.26 12.98 -1.10
N SER A 27 14.38 12.83 -1.83
CA SER A 27 14.37 12.92 -3.28
C SER A 27 13.38 11.97 -3.92
N GLN A 28 13.22 10.77 -3.34
CA GLN A 28 12.40 9.75 -3.99
C GLN A 28 10.91 10.10 -3.93
N VAL A 29 10.50 11.03 -3.06
CA VAL A 29 9.09 11.36 -2.94
C VAL A 29 8.65 12.17 -4.15
N GLN A 30 7.56 11.73 -4.79
CA GLN A 30 7.06 12.40 -5.99
C GLN A 30 5.55 12.37 -5.98
N LEU A 31 4.95 13.54 -6.27
CA LEU A 31 3.51 13.68 -6.44
C LEU A 31 3.25 14.30 -7.80
N VAL A 32 2.39 13.66 -8.58
CA VAL A 32 2.12 14.08 -9.96
C VAL A 32 0.61 14.12 -10.14
N GLU A 33 0.07 15.30 -10.41
CA GLU A 33 -1.36 15.47 -10.59
C GLU A 33 -1.72 15.41 -12.07
N SER A 34 -2.88 14.80 -12.35
CA SER A 34 -3.44 14.83 -13.69
C SER A 34 -4.95 14.97 -13.58
N GLY A 35 -5.61 15.11 -14.73
CA GLY A 35 -7.05 15.18 -14.81
C GLY A 35 -7.62 16.55 -15.13
N GLY A 36 -6.81 17.61 -15.06
CA GLY A 36 -7.33 18.94 -15.28
C GLY A 36 -7.71 19.19 -16.73
N GLY A 37 -8.48 20.25 -16.94
CA GLY A 37 -8.86 20.65 -18.28
C GLY A 37 -9.99 21.65 -18.25
N LEU A 38 -10.54 21.89 -19.44
CA LEU A 38 -11.66 22.79 -19.60
C LEU A 38 -12.96 22.02 -19.40
N VAL A 39 -13.93 22.66 -18.76
CA VAL A 39 -15.23 22.03 -18.49
C VAL A 39 -16.24 23.13 -18.19
N GLN A 40 -17.46 22.92 -18.67
CA GLN A 40 -18.59 23.79 -18.44
C GLN A 40 -19.12 23.67 -17.01
N ALA A 41 -19.70 24.77 -16.54
CA ALA A 41 -20.30 24.82 -15.22
C ALA A 41 -21.34 23.72 -15.06
N GLY A 42 -21.45 23.22 -13.83
CA GLY A 42 -22.28 22.06 -13.56
C GLY A 42 -21.67 20.74 -13.99
N GLY A 43 -20.58 20.78 -14.75
CA GLY A 43 -19.90 19.58 -15.18
C GLY A 43 -19.05 18.95 -14.09
N SER A 44 -18.31 17.92 -14.49
CA SER A 44 -17.57 17.10 -13.56
C SER A 44 -16.18 16.80 -14.10
N LEU A 45 -15.26 16.54 -13.18
CA LEU A 45 -13.88 16.22 -13.49
C LEU A 45 -13.35 15.30 -12.40
N ARG A 46 -12.42 14.43 -12.76
CA ARG A 46 -11.74 13.57 -11.81
C ARG A 46 -10.26 13.88 -11.88
N LEU A 47 -9.71 14.36 -10.78
CA LEU A 47 -8.28 14.65 -10.67
C LEU A 47 -7.57 13.47 -10.01
N SER A 48 -6.38 13.15 -10.50
CA SER A 48 -5.56 12.10 -9.92
C SER A 48 -4.27 12.73 -9.38
N CYS A 49 -3.87 12.31 -8.19
CA CYS A 49 -2.57 12.64 -7.62
C CYS A 49 -1.84 11.31 -7.41
N ALA A 50 -0.96 10.98 -8.34
CA ALA A 50 -0.21 9.72 -8.30
C ALA A 50 1.07 9.92 -7.48
N ALA A 51 1.22 9.11 -6.43
CA ALA A 51 2.33 9.25 -5.49
C ALA A 51 3.34 8.12 -5.62
N SER A 52 4.62 8.47 -5.54
CA SER A 52 5.70 7.49 -5.46
C SER A 52 6.68 7.91 -4.39
N GLY A 53 7.40 6.91 -3.86
CA GLY A 53 8.38 7.14 -2.82
C GLY A 53 7.85 6.98 -1.41
N PHE A 54 6.58 6.65 -1.24
CA PHE A 54 5.97 6.53 0.07
C PHE A 54 4.58 5.91 -0.10
N PRO A 55 4.03 5.29 0.97
CA PRO A 55 2.69 4.69 0.87
C PRO A 55 1.56 5.64 1.29
N VAL A 56 0.58 5.79 0.41
CA VAL A 56 -0.49 6.76 0.63
C VAL A 56 -1.32 6.41 1.86
N TYR A 57 -1.45 5.13 2.17
CA TYR A 57 -2.32 4.70 3.26
C TYR A 57 -1.83 5.24 4.60
N TRP A 58 -0.54 5.47 4.73
CA TRP A 58 0.08 5.79 6.01
C TRP A 58 0.37 7.27 6.17
N ASN A 59 -0.12 8.11 5.26
CA ASN A 59 0.24 9.52 5.23
C ASN A 59 -0.99 10.34 4.86
N SER A 60 -1.41 11.21 5.77
CA SER A 60 -2.50 12.13 5.46
C SER A 60 -2.13 12.96 4.24
N MET A 61 -3.11 13.19 3.37
CA MET A 61 -2.85 13.93 2.14
C MET A 61 -3.96 14.95 1.89
N TYR A 62 -3.60 15.97 1.14
CA TYR A 62 -4.41 17.16 1.02
C TYR A 62 -4.46 17.60 -0.42
N TRP A 63 -5.59 18.17 -0.82
CA TRP A 63 -5.72 18.89 -2.07
C TRP A 63 -5.77 20.38 -1.76
N TYR A 64 -5.01 21.16 -2.50
CA TYR A 64 -5.06 22.61 -2.46
C TYR A 64 -5.39 23.13 -3.85
N ARG A 65 -5.81 24.39 -3.91
CA ARG A 65 -6.00 25.07 -5.19
C ARG A 65 -5.48 26.49 -5.07
N GLN A 66 -5.04 27.03 -6.20
CA GLN A 66 -4.39 28.34 -6.26
C GLN A 66 -4.83 29.01 -7.54
N ALA A 67 -5.65 30.05 -7.43
CA ALA A 67 -5.96 30.88 -8.57
C ALA A 67 -4.98 32.05 -8.64
N PRO A 68 -4.72 32.56 -9.84
CA PRO A 68 -3.78 33.68 -9.97
C PRO A 68 -4.20 34.87 -9.12
N GLY A 69 -3.23 35.43 -8.40
CA GLY A 69 -3.46 36.61 -7.58
C GLY A 69 -4.03 36.28 -6.21
N LYS A 70 -5.18 35.61 -6.19
CA LYS A 70 -5.79 35.19 -4.95
C LYS A 70 -4.84 34.28 -4.17
N GLU A 71 -5.12 34.12 -2.87
CA GLU A 71 -4.29 33.31 -2.02
C GLU A 71 -4.66 31.82 -2.13
N ARG A 72 -3.70 30.98 -1.76
CA ARG A 72 -3.90 29.53 -1.81
C ARG A 72 -5.09 29.14 -0.98
N GLU A 73 -5.81 28.11 -1.43
CA GLU A 73 -7.04 27.66 -0.79
C GLU A 73 -6.98 26.15 -0.58
N TRP A 74 -7.11 25.73 0.66
CA TRP A 74 -7.22 24.30 0.95
C TRP A 74 -8.58 23.80 0.48
N VAL A 75 -8.60 22.60 -0.10
CA VAL A 75 -9.80 22.04 -0.70
C VAL A 75 -10.31 20.84 0.09
N ALA A 76 -9.42 19.87 0.36
CA ALA A 76 -9.86 18.66 1.05
C ALA A 76 -8.66 17.92 1.62
N ALA A 77 -8.96 16.99 2.52
CA ALA A 77 -7.93 16.16 3.13
C ALA A 77 -8.47 14.76 3.35
N ILE A 78 -7.57 13.78 3.24
CA ILE A 78 -7.87 12.39 3.56
C ILE A 78 -6.82 11.93 4.55
N THR A 79 -7.26 11.60 5.76
CA THR A 79 -6.34 11.22 6.82
C THR A 79 -5.82 9.80 6.57
N SER A 80 -4.61 9.55 7.03
CA SER A 80 -4.06 8.20 6.93
C SER A 80 -5.00 7.20 7.59
N GLN A 81 -4.98 5.97 7.08
CA GLN A 81 -5.73 4.87 7.70
C GLN A 81 -7.22 5.22 7.66
N GLY A 82 -7.96 5.02 8.74
CA GLY A 82 -9.39 5.26 8.74
C GLY A 82 -9.79 6.61 9.27
N GLY A 83 -8.85 7.54 9.43
CA GLY A 83 -9.13 8.82 10.08
C GLY A 83 -10.19 9.65 9.38
N GLY A 84 -10.53 9.32 8.15
CA GLY A 84 -11.63 9.98 7.46
C GLY A 84 -11.19 11.07 6.52
N THR A 85 -12.17 11.90 6.15
CA THR A 85 -11.95 12.97 5.18
C THR A 85 -12.56 14.26 5.71
N GLU A 86 -12.02 15.37 5.22
CA GLU A 86 -12.52 16.70 5.56
C GLU A 86 -12.48 17.56 4.31
N TYR A 87 -13.40 18.52 4.25
CA TYR A 87 -13.60 19.35 3.07
C TYR A 87 -13.79 20.80 3.47
N ALA A 88 -13.29 21.71 2.64
CA ALA A 88 -13.58 23.12 2.83
C ALA A 88 -15.05 23.37 2.53
N ASP A 89 -15.66 24.28 3.29
CA ASP A 89 -17.09 24.51 3.17
C ASP A 89 -17.51 24.79 1.72
N SER A 90 -16.65 25.48 0.97
CA SER A 90 -17.01 25.85 -0.39
C SER A 90 -17.27 24.63 -1.26
N VAL A 91 -16.67 23.50 -0.91
CA VAL A 91 -16.74 22.29 -1.75
C VAL A 91 -17.55 21.17 -1.13
N LYS A 92 -17.97 21.31 0.14
CA LYS A 92 -18.73 20.25 0.80
C LYS A 92 -19.94 19.86 -0.03
N GLY A 93 -20.14 18.55 -0.20
CA GLY A 93 -21.25 18.04 -0.98
C GLY A 93 -21.03 18.05 -2.47
N ARG A 94 -19.96 18.67 -2.96
CA ARG A 94 -19.64 18.71 -4.37
C ARG A 94 -18.41 17.89 -4.73
N PHE A 95 -17.37 17.94 -3.91
CA PHE A 95 -16.13 17.24 -4.17
C PHE A 95 -16.03 16.00 -3.29
N THR A 96 -15.31 15.00 -3.78
CA THR A 96 -15.05 13.80 -3.00
C THR A 96 -13.58 13.44 -3.15
N ILE A 97 -12.89 13.32 -2.02
CA ILE A 97 -11.51 12.88 -1.98
C ILE A 97 -11.53 11.38 -1.67
N SER A 98 -10.65 10.64 -2.34
CA SER A 98 -10.58 9.20 -2.14
C SER A 98 -9.15 8.75 -2.39
N ARG A 99 -8.86 7.51 -2.03
CA ARG A 99 -7.50 6.99 -2.04
C ARG A 99 -7.52 5.54 -2.52
N ASP A 100 -6.61 5.22 -3.43
CA ASP A 100 -6.37 3.84 -3.88
C ASP A 100 -5.04 3.43 -3.26
N ASN A 101 -5.10 2.61 -2.21
CA ASN A 101 -3.89 2.21 -1.51
C ASN A 101 -2.97 1.37 -2.37
N ALA A 102 -3.51 0.53 -3.24
CA ALA A 102 -2.67 -0.29 -4.10
C ALA A 102 -1.95 0.57 -5.14
N LYS A 103 -2.73 1.21 -6.02
CA LYS A 103 -2.17 2.12 -7.03
C LYS A 103 -1.47 3.33 -6.42
N ASN A 104 -1.54 3.53 -5.10
CA ASN A 104 -0.85 4.64 -4.42
C ASN A 104 -1.22 6.00 -5.02
N THR A 105 -2.51 6.21 -5.19
CA THR A 105 -3.03 7.40 -5.83
C THR A 105 -4.15 7.97 -4.97
N VAL A 106 -4.26 9.29 -4.98
CA VAL A 106 -5.34 10.01 -4.33
C VAL A 106 -6.12 10.75 -5.39
N TYR A 107 -7.45 10.67 -5.31
CA TYR A 107 -8.33 11.27 -6.29
C TYR A 107 -9.14 12.41 -5.68
N LEU A 108 -9.52 13.36 -6.53
CA LEU A 108 -10.49 14.40 -6.21
C LEU A 108 -11.60 14.35 -7.26
N GLN A 109 -12.74 13.76 -6.89
CA GLN A 109 -13.93 13.81 -7.73
C GLN A 109 -14.56 15.19 -7.61
N MET A 110 -14.78 15.83 -8.76
CA MET A 110 -15.34 17.18 -8.83
C MET A 110 -16.65 17.12 -9.59
N ASN A 111 -17.73 17.49 -8.93
CA ASN A 111 -19.06 17.56 -9.52
C ASN A 111 -19.64 18.95 -9.33
N SER A 112 -20.65 19.25 -10.12
CA SER A 112 -21.38 20.53 -10.02
C SER A 112 -20.40 21.70 -9.99
N LEU A 113 -19.49 21.70 -10.97
CA LEU A 113 -18.40 22.66 -10.99
C LEU A 113 -18.92 24.06 -11.28
N LYS A 114 -18.48 25.03 -10.50
CA LYS A 114 -18.77 26.44 -10.72
C LYS A 114 -17.56 27.17 -11.32
N PRO A 115 -17.75 28.43 -11.72
CA PRO A 115 -16.60 29.20 -12.22
C PRO A 115 -15.61 29.57 -11.12
N GLU A 116 -16.08 29.76 -9.89
CA GLU A 116 -15.16 30.06 -8.80
C GLU A 116 -14.22 28.90 -8.51
N ASP A 117 -14.50 27.71 -9.05
CA ASP A 117 -13.62 26.57 -8.90
C ASP A 117 -12.40 26.61 -9.82
N THR A 118 -12.35 27.52 -10.78
CA THR A 118 -11.18 27.65 -11.63
C THR A 118 -9.94 27.93 -10.80
N ALA A 119 -8.91 27.12 -10.98
CA ALA A 119 -7.65 27.27 -10.25
C ALA A 119 -6.73 26.14 -10.67
N VAL A 120 -5.48 26.24 -10.24
CA VAL A 120 -4.55 25.10 -10.29
C VAL A 120 -4.78 24.26 -9.05
N TYR A 121 -5.00 22.96 -9.24
CA TYR A 121 -5.16 22.02 -8.14
C TYR A 121 -3.90 21.18 -8.02
N TYR A 122 -3.37 21.07 -6.80
CA TYR A 122 -2.19 20.26 -6.53
C TYR A 122 -2.37 19.59 -5.19
N CYS A 123 -1.71 18.44 -5.03
CA CYS A 123 -1.76 17.67 -3.80
C CYS A 123 -0.47 17.84 -3.00
N THR A 124 -0.57 17.56 -1.70
CA THR A 124 0.59 17.67 -0.81
C THR A 124 0.53 16.56 0.22
N VAL A 125 1.70 16.30 0.83
CA VAL A 125 1.82 15.34 1.91
C VAL A 125 2.89 15.82 2.87
N GLY A 126 2.74 15.47 4.13
CA GLY A 126 3.84 15.56 5.07
C GLY A 126 3.65 16.57 6.19
N VAL A 127 4.12 16.18 7.38
CA VAL A 127 4.10 17.02 8.57
C VAL A 127 5.55 17.32 8.95
N GLY A 128 5.88 18.60 9.06
CA GLY A 128 7.26 19.01 9.32
C GLY A 128 8.09 19.06 8.05
N VAL A 129 8.03 18.02 7.23
CA VAL A 129 8.61 18.01 5.89
C VAL A 129 7.44 17.87 4.92
N SER A 130 7.16 18.90 4.13
CA SER A 130 6.05 18.88 3.20
C SER A 130 6.56 18.71 1.77
N TYR A 131 5.81 17.94 0.98
CA TYR A 131 6.07 17.73 -0.44
C TYR A 131 4.81 18.10 -1.20
N ARG A 132 4.95 18.42 -2.48
CA ARG A 132 3.77 18.84 -3.24
C ARG A 132 4.01 18.58 -4.72
N GLY A 133 2.88 18.47 -5.45
CA GLY A 133 2.94 18.36 -6.90
C GLY A 133 2.93 19.71 -7.61
N GLN A 134 3.17 19.65 -8.91
CA GLN A 134 3.19 20.86 -9.73
C GLN A 134 1.79 21.41 -9.96
N GLY A 135 0.79 20.53 -10.00
CA GLY A 135 -0.58 20.93 -10.17
C GLY A 135 -1.10 20.65 -11.57
N THR A 136 -2.43 20.70 -11.70
CA THR A 136 -3.13 20.49 -12.96
C THR A 136 -4.16 21.61 -13.09
N GLN A 137 -4.20 22.25 -14.26
CA GLN A 137 -5.06 23.40 -14.46
C GLN A 137 -6.50 22.97 -14.69
N VAL A 138 -7.41 23.55 -13.91
CA VAL A 138 -8.85 23.33 -14.05
C VAL A 138 -9.51 24.66 -14.33
N THR A 139 -10.19 24.75 -15.46
CA THR A 139 -10.92 25.94 -15.86
C THR A 139 -12.39 25.57 -15.99
N VAL A 140 -13.26 26.34 -15.36
CA VAL A 140 -14.70 26.13 -15.43
C VAL A 140 -15.31 27.36 -16.09
N SER A 141 -16.01 27.14 -17.20
CA SER A 141 -16.67 28.21 -17.94
C SER A 141 -18.18 28.10 -17.74
N ALA A 142 -18.85 29.25 -17.85
CA ALA A 142 -20.30 29.28 -17.84
C ALA A 142 -20.82 29.17 -19.28
N GLY A 143 -22.02 28.58 -19.41
CA GLY A 143 -22.57 28.34 -20.73
C GLY A 143 -23.86 29.08 -21.00
N ARG A 144 -24.61 28.62 -22.00
CA ARG A 144 -25.88 29.23 -22.37
C ARG A 144 -26.84 29.27 -21.19
N GLY B 24 20.22 3.36 1.84
CA GLY B 24 19.52 2.96 3.04
C GLY B 24 18.22 2.37 2.56
N SER B 25 18.30 1.15 2.04
CA SER B 25 17.13 0.55 1.42
C SER B 25 17.03 -0.94 1.71
N SER B 26 17.95 -1.75 1.17
CA SER B 26 17.89 -3.17 1.49
C SER B 26 17.95 -3.39 3.00
N SER B 27 18.69 -2.56 3.72
CA SER B 27 18.72 -2.68 5.18
C SER B 27 17.32 -2.57 5.75
N GLN B 28 16.51 -1.66 5.22
CA GLN B 28 15.20 -1.38 5.79
C GLN B 28 14.21 -2.50 5.54
N VAL B 29 14.49 -3.42 4.61
CA VAL B 29 13.55 -4.50 4.34
C VAL B 29 13.54 -5.45 5.53
N GLN B 30 12.35 -5.74 6.05
CA GLN B 30 12.19 -6.58 7.22
C GLN B 30 10.95 -7.44 7.05
N LEU B 31 11.10 -8.74 7.29
CA LEU B 31 9.99 -9.67 7.32
C LEU B 31 9.99 -10.38 8.66
N VAL B 32 8.87 -10.34 9.35
CA VAL B 32 8.76 -10.85 10.72
C VAL B 32 7.52 -11.72 10.79
N GLU B 33 7.71 -13.01 11.06
CA GLU B 33 6.62 -13.97 11.12
C GLU B 33 6.15 -14.14 12.55
N SER B 34 4.83 -14.27 12.72
CA SER B 34 4.25 -14.65 13.99
C SER B 34 3.07 -15.58 13.74
N GLY B 35 2.50 -16.10 14.82
CA GLY B 35 1.34 -16.96 14.74
C GLY B 35 1.60 -18.43 15.01
N GLY B 36 2.86 -18.86 15.06
CA GLY B 36 3.15 -20.26 15.25
C GLY B 36 2.78 -20.73 16.65
N GLY B 37 2.73 -22.04 16.78
CA GLY B 37 2.40 -22.64 18.06
C GLY B 37 2.12 -24.13 17.92
N LEU B 38 1.63 -24.70 19.03
CA LEU B 38 1.33 -26.12 19.12
C LEU B 38 -0.13 -26.47 18.84
N VAL B 39 -0.38 -27.58 18.11
CA VAL B 39 -1.78 -28.02 17.93
C VAL B 39 -1.97 -29.45 17.46
N GLN B 40 -2.77 -30.18 18.22
CA GLN B 40 -4.05 -30.72 17.77
C GLN B 40 -4.16 -30.85 16.29
N ALA B 41 -3.88 -32.06 15.86
CA ALA B 41 -4.04 -32.50 14.51
C ALA B 41 -5.46 -32.26 14.02
N GLY B 42 -5.56 -31.90 12.76
CA GLY B 42 -6.82 -31.43 12.27
C GLY B 42 -7.11 -30.02 12.70
N GLY B 43 -6.30 -29.44 13.58
CA GLY B 43 -6.50 -28.09 14.05
C GLY B 43 -6.10 -27.04 13.02
N SER B 44 -6.15 -25.78 13.46
CA SER B 44 -5.99 -24.64 12.57
C SER B 44 -5.08 -23.60 13.20
N LEU B 45 -4.42 -22.83 12.34
CA LEU B 45 -3.48 -21.79 12.75
C LEU B 45 -3.46 -20.73 11.66
N ARG B 46 -3.21 -19.48 12.07
CA ARG B 46 -3.02 -18.38 11.14
C ARG B 46 -1.66 -17.76 11.40
N LEU B 47 -0.78 -17.83 10.41
CA LEU B 47 0.53 -17.22 10.49
C LEU B 47 0.49 -15.85 9.82
N SER B 48 1.24 -14.91 10.38
CA SER B 48 1.40 -13.57 9.82
C SER B 48 2.84 -13.34 9.42
N CYS B 49 3.03 -12.72 8.26
CA CYS B 49 4.34 -12.23 7.83
C CYS B 49 4.20 -10.71 7.69
N ALA B 50 4.68 -9.99 8.70
CA ALA B 50 4.60 -8.53 8.70
C ALA B 50 5.83 -7.98 7.97
N ALA B 51 5.58 -7.20 6.94
CA ALA B 51 6.66 -6.68 6.09
C ALA B 51 6.84 -5.19 6.30
N SER B 52 8.09 -4.76 6.32
CA SER B 52 8.43 -3.35 6.32
C SER B 52 9.54 -3.12 5.31
N GLY B 53 9.60 -1.87 4.81
CA GLY B 53 10.61 -1.47 3.85
C GLY B 53 10.22 -1.62 2.40
N PHE B 54 9.01 -2.06 2.10
CA PHE B 54 8.55 -2.23 0.73
C PHE B 54 7.04 -2.53 0.76
N PRO B 55 6.34 -2.31 -0.37
CA PRO B 55 4.89 -2.58 -0.39
C PRO B 55 4.57 -3.98 -0.89
N VAL B 56 3.84 -4.75 -0.10
CA VAL B 56 3.57 -6.16 -0.45
C VAL B 56 2.75 -6.26 -1.73
N TYR B 57 1.94 -5.24 -2.03
CA TYR B 57 1.09 -5.34 -3.20
C TYR B 57 1.91 -5.46 -4.48
N TRP B 58 3.13 -4.93 -4.48
CA TRP B 58 3.93 -4.83 -5.69
C TRP B 58 5.00 -5.90 -5.79
N ASN B 59 5.00 -6.87 -4.88
CA ASN B 59 6.09 -7.83 -4.80
C ASN B 59 5.52 -9.19 -4.49
N SER B 60 5.72 -10.14 -5.39
CA SER B 60 5.32 -11.52 -5.13
C SER B 60 6.01 -11.98 -3.87
N MET B 61 5.29 -12.71 -3.03
CA MET B 61 5.88 -13.22 -1.80
C MET B 61 5.51 -14.68 -1.58
N TYR B 62 6.31 -15.33 -0.75
CA TYR B 62 6.34 -16.77 -0.65
C TYR B 62 6.41 -17.21 0.79
N TRP B 63 5.79 -18.35 1.06
CA TRP B 63 5.97 -19.07 2.31
C TRP B 63 6.80 -20.31 2.02
N TYR B 64 7.80 -20.55 2.85
CA TYR B 64 8.58 -21.78 2.86
C TYR B 64 8.46 -22.39 4.25
N ARG B 65 8.82 -23.66 4.37
CA ARG B 65 8.92 -24.28 5.69
C ARG B 65 10.18 -25.15 5.75
N GLN B 66 10.68 -25.35 6.96
CA GLN B 66 11.94 -26.04 7.18
C GLN B 66 11.85 -26.89 8.44
N ALA B 67 11.84 -28.23 8.26
CA ALA B 67 11.93 -29.20 9.34
C ALA B 67 13.39 -29.56 9.57
N PRO B 68 13.75 -29.96 10.79
CA PRO B 68 15.16 -30.32 11.04
C PRO B 68 15.65 -31.40 10.09
N GLY B 69 16.81 -31.16 9.49
CA GLY B 69 17.42 -32.13 8.60
C GLY B 69 16.94 -32.08 7.16
N LYS B 70 15.64 -32.20 6.96
CA LYS B 70 15.08 -32.14 5.61
C LYS B 70 15.45 -30.82 4.94
N GLU B 71 15.33 -30.80 3.61
CA GLU B 71 15.58 -29.61 2.84
C GLU B 71 14.35 -28.71 2.86
N ARG B 72 14.56 -27.42 2.61
CA ARG B 72 13.46 -26.47 2.64
C ARG B 72 12.36 -26.91 1.69
N GLU B 73 11.13 -26.57 2.03
CA GLU B 73 9.95 -26.95 1.27
C GLU B 73 9.15 -25.68 0.96
N TRP B 74 8.93 -25.42 -0.32
CA TRP B 74 8.06 -24.32 -0.69
C TRP B 74 6.62 -24.71 -0.37
N VAL B 75 5.86 -23.76 0.17
CA VAL B 75 4.50 -23.99 0.62
C VAL B 75 3.49 -23.24 -0.23
N ALA B 76 3.72 -21.94 -0.44
CA ALA B 76 2.75 -21.15 -1.18
C ALA B 76 3.38 -19.87 -1.70
N ALA B 77 2.69 -19.24 -2.65
CA ALA B 77 3.14 -17.99 -3.21
C ALA B 77 1.92 -17.14 -3.53
N ILE B 78 2.09 -15.83 -3.41
CA ILE B 78 1.07 -14.87 -3.83
C ILE B 78 1.74 -13.87 -4.75
N THR B 79 1.29 -13.82 -6.00
CA THR B 79 1.91 -12.95 -6.99
C THR B 79 1.52 -11.51 -6.73
N SER B 80 2.42 -10.59 -7.11
CA SER B 80 2.10 -9.18 -7.00
C SER B 80 0.78 -8.88 -7.70
N GLN B 81 0.09 -7.88 -7.19
CA GLN B 81 -1.14 -7.38 -7.83
C GLN B 81 -2.16 -8.52 -7.87
N GLY B 82 -2.85 -8.73 -8.99
CA GLY B 82 -3.88 -9.74 -9.11
C GLY B 82 -3.38 -11.05 -9.69
N GLY B 83 -2.07 -11.24 -9.76
CA GLY B 83 -1.47 -12.38 -10.42
C GLY B 83 -1.88 -13.72 -9.86
N GLY B 84 -2.51 -13.75 -8.68
CA GLY B 84 -3.05 -14.96 -8.15
C GLY B 84 -2.16 -15.65 -7.14
N THR B 85 -2.47 -16.91 -6.90
CA THR B 85 -1.79 -17.70 -5.88
C THR B 85 -1.43 -19.07 -6.43
N GLU B 86 -0.43 -19.68 -5.79
CA GLU B 86 0.03 -21.02 -6.12
C GLU B 86 0.34 -21.74 -4.82
N TYR B 87 0.17 -23.06 -4.82
CA TYR B 87 0.31 -23.87 -3.62
C TYR B 87 1.06 -25.15 -3.92
N ALA B 88 1.84 -25.61 -2.95
CA ALA B 88 2.47 -26.91 -3.06
C ALA B 88 1.41 -28.00 -3.01
N ASP B 89 1.62 -29.06 -3.78
CA ASP B 89 0.60 -30.09 -3.89
C ASP B 89 0.18 -30.61 -2.53
N SER B 90 1.14 -30.73 -1.60
CA SER B 90 0.84 -31.31 -0.29
C SER B 90 -0.15 -30.49 0.52
N VAL B 91 -0.24 -29.17 0.28
CA VAL B 91 -1.04 -28.29 1.12
C VAL B 91 -2.26 -27.73 0.41
N LYS B 92 -2.40 -27.93 -0.90
CA LYS B 92 -3.54 -27.38 -1.63
C LYS B 92 -4.83 -27.86 -1.00
N GLY B 93 -5.78 -26.93 -0.85
CA GLY B 93 -7.06 -27.20 -0.24
C GLY B 93 -7.07 -27.18 1.28
N ARG B 94 -5.90 -27.11 1.91
CA ARG B 94 -5.78 -27.00 3.36
C ARG B 94 -5.25 -25.65 3.81
N PHE B 95 -4.27 -25.09 3.10
CA PHE B 95 -3.67 -23.82 3.45
C PHE B 95 -4.20 -22.74 2.51
N THR B 96 -4.25 -21.51 2.99
CA THR B 96 -4.65 -20.38 2.16
C THR B 96 -3.72 -19.21 2.42
N ILE B 97 -3.12 -18.70 1.35
CA ILE B 97 -2.24 -17.53 1.42
C ILE B 97 -3.04 -16.31 1.01
N SER B 98 -2.82 -15.19 1.71
CA SER B 98 -3.54 -13.96 1.43
C SER B 98 -2.67 -12.77 1.82
N ARG B 99 -3.12 -11.58 1.42
CA ARG B 99 -2.32 -10.36 1.57
C ARG B 99 -3.21 -9.18 1.94
N ASP B 100 -2.73 -8.40 2.90
CA ASP B 100 -3.35 -7.13 3.31
C ASP B 100 -2.45 -6.01 2.82
N ASN B 101 -2.87 -5.33 1.75
CA ASN B 101 -2.03 -4.27 1.19
C ASN B 101 -1.89 -3.10 2.16
N ALA B 102 -2.91 -2.84 2.97
CA ALA B 102 -2.87 -1.75 3.93
C ALA B 102 -1.88 -2.06 5.04
N LYS B 103 -2.18 -3.08 5.84
CA LYS B 103 -1.29 -3.51 6.90
C LYS B 103 0.06 -4.00 6.39
N ASN B 104 0.24 -4.12 5.07
CA ASN B 104 1.51 -4.57 4.49
C ASN B 104 1.92 -5.92 5.08
N THR B 105 0.96 -6.85 5.11
CA THR B 105 1.13 -8.14 5.74
C THR B 105 0.66 -9.23 4.79
N VAL B 106 1.33 -10.38 4.86
CA VAL B 106 0.92 -11.59 4.14
C VAL B 106 0.61 -12.66 5.17
N TYR B 107 -0.50 -13.36 4.95
CA TYR B 107 -0.97 -14.38 5.88
C TYR B 107 -0.90 -15.76 5.26
N LEU B 108 -0.76 -16.76 6.13
CA LEU B 108 -0.94 -18.16 5.75
C LEU B 108 -1.99 -18.78 6.68
N GLN B 109 -3.22 -18.89 6.21
CA GLN B 109 -4.23 -19.63 6.95
C GLN B 109 -3.97 -21.14 6.80
N MET B 110 -3.85 -21.82 7.93
CA MET B 110 -3.51 -23.23 7.96
C MET B 110 -4.68 -23.97 8.60
N ASN B 111 -5.30 -24.86 7.84
CA ASN B 111 -6.42 -25.67 8.29
C ASN B 111 -6.10 -27.15 8.11
N SER B 112 -6.83 -27.99 8.84
CA SER B 112 -6.73 -29.45 8.74
C SER B 112 -5.28 -29.90 8.79
N LEU B 113 -4.55 -29.41 9.82
CA LEU B 113 -3.11 -29.62 9.89
C LEU B 113 -2.80 -31.08 10.26
N LYS B 114 -1.99 -31.80 9.44
CA LYS B 114 -1.34 -33.01 9.96
C LYS B 114 0.16 -32.90 10.28
N PRO B 115 0.82 -33.99 10.66
CA PRO B 115 2.01 -33.83 11.49
C PRO B 115 3.35 -33.40 10.82
N GLU B 116 3.98 -34.20 9.92
CA GLU B 116 3.91 -33.71 8.55
C GLU B 116 3.97 -32.19 8.41
N ASP B 117 2.97 -31.38 8.88
CA ASP B 117 3.08 -29.92 8.73
C ASP B 117 4.01 -29.30 9.72
N THR B 118 4.46 -30.06 10.71
CA THR B 118 5.39 -29.53 11.69
C THR B 118 6.67 -29.04 11.03
N ALA B 119 7.01 -27.78 11.27
CA ALA B 119 8.23 -27.17 10.73
C ALA B 119 8.28 -25.70 11.12
N VAL B 120 9.42 -25.07 10.85
CA VAL B 120 9.52 -23.62 10.91
C VAL B 120 9.03 -23.05 9.58
N TYR B 121 8.08 -22.13 9.65
CA TYR B 121 7.53 -21.45 8.49
C TYR B 121 8.09 -20.03 8.44
N TYR B 122 8.58 -19.62 7.29
CA TYR B 122 9.09 -18.26 7.10
C TYR B 122 8.70 -17.76 5.72
N CYS B 123 8.60 -16.45 5.59
CA CYS B 123 8.24 -15.81 4.34
C CYS B 123 9.47 -15.23 3.66
N THR B 124 9.36 -15.02 2.34
CA THR B 124 10.44 -14.47 1.54
C THR B 124 9.87 -13.52 0.49
N VAL B 125 10.75 -12.66 -0.02
CA VAL B 125 10.39 -11.76 -1.12
C VAL B 125 11.63 -11.54 -1.98
N GLY B 126 11.42 -11.30 -3.25
CA GLY B 126 12.49 -10.75 -4.07
C GLY B 126 12.99 -11.72 -5.12
N VAL B 127 13.31 -11.19 -6.29
CA VAL B 127 13.89 -11.96 -7.39
C VAL B 127 15.29 -11.44 -7.66
N GLY B 128 16.28 -12.33 -7.59
CA GLY B 128 17.68 -11.90 -7.74
C GLY B 128 18.28 -11.39 -6.45
N VAL B 129 17.54 -10.53 -5.75
CA VAL B 129 17.88 -10.08 -4.41
C VAL B 129 16.79 -10.65 -3.50
N SER B 130 17.14 -11.60 -2.65
CA SER B 130 16.16 -12.26 -1.78
C SER B 130 16.29 -11.81 -0.34
N TYR B 131 15.14 -11.67 0.32
CA TYR B 131 15.05 -11.36 1.74
C TYR B 131 14.17 -12.40 2.40
N ARG B 132 14.31 -12.55 3.72
CA ARG B 132 13.53 -13.57 4.40
C ARG B 132 13.40 -13.25 5.88
N GLY B 133 12.35 -13.82 6.50
CA GLY B 133 12.16 -13.72 7.92
C GLY B 133 12.83 -14.85 8.70
N GLN B 134 12.82 -14.70 10.03
CA GLN B 134 13.45 -15.69 10.90
C GLN B 134 12.61 -16.96 10.94
N GLY B 135 11.31 -16.84 10.81
CA GLY B 135 10.43 -17.98 10.83
C GLY B 135 9.70 -18.11 12.16
N THR B 136 8.65 -18.92 12.15
CA THR B 136 7.84 -19.18 13.32
C THR B 136 7.61 -20.68 13.40
N GLN B 137 7.83 -21.26 14.57
CA GLN B 137 7.74 -22.71 14.74
C GLN B 137 6.28 -23.12 14.82
N VAL B 138 5.90 -24.09 14.01
CA VAL B 138 4.56 -24.70 14.02
C VAL B 138 4.74 -26.18 14.32
N THR B 139 4.10 -26.65 15.39
CA THR B 139 4.14 -28.05 15.79
C THR B 139 2.72 -28.60 15.83
N VAL B 140 2.51 -29.74 15.17
CA VAL B 140 1.23 -30.44 15.13
C VAL B 140 1.38 -31.79 15.82
N SER B 141 0.53 -32.05 16.80
CA SER B 141 0.62 -33.27 17.59
C SER B 141 -0.45 -34.29 17.22
N ALA B 142 -0.12 -35.56 17.47
CA ALA B 142 -1.03 -36.71 17.41
C ALA B 142 -1.58 -36.99 16.03
N GLY B 143 -0.79 -37.67 15.20
CA GLY B 143 -1.23 -38.09 13.89
C GLY B 143 -0.76 -39.50 13.54
N CYS C 1 -1.63 5.97 -17.87
CA CYS C 1 -1.36 4.56 -17.67
C CYS C 1 -1.03 4.33 -16.18
N GLY C 2 -1.90 3.60 -15.49
CA GLY C 2 -1.75 3.38 -14.07
C GLY C 2 -0.36 2.90 -13.70
N PRO C 3 0.02 3.09 -12.43
CA PRO C 3 1.40 2.78 -12.02
C PRO C 3 1.81 1.35 -12.34
N ILE C 4 3.12 1.13 -12.34
CA ILE C 4 3.69 -0.16 -12.71
C ILE C 4 4.77 -0.53 -11.69
N PRO C 5 5.23 -1.78 -11.65
CA PRO C 5 6.24 -2.18 -10.67
C PRO C 5 7.62 -1.65 -11.06
N VAL C 6 8.17 -0.76 -10.23
CA VAL C 6 9.43 -0.09 -10.53
C VAL C 6 10.49 -0.58 -9.56
N LEU C 7 11.66 -0.95 -10.08
CA LEU C 7 12.70 -1.56 -9.29
C LEU C 7 13.34 -0.51 -8.39
N ASP C 8 13.31 -0.76 -7.08
CA ASP C 8 13.91 0.15 -6.14
C ASP C 8 15.35 -0.26 -5.84
N GLU C 9 16.00 0.50 -4.96
CA GLU C 9 17.40 0.22 -4.64
C GLU C 9 17.55 -1.17 -4.02
N ASN C 10 16.56 -1.59 -3.23
CA ASN C 10 16.62 -2.83 -2.47
C ASN C 10 16.24 -4.03 -3.32
N GLY C 11 16.27 -3.87 -4.64
CA GLY C 11 15.95 -4.98 -5.53
C GLY C 11 14.50 -5.38 -5.55
N LEU C 12 13.62 -4.61 -4.91
CA LEU C 12 12.18 -4.87 -4.89
C LEU C 12 11.44 -3.78 -5.66
N PHE C 13 10.15 -4.01 -5.87
CA PHE C 13 9.32 -3.14 -6.67
C PHE C 13 8.52 -2.17 -5.81
N ALA C 14 8.24 -1.00 -6.37
CA ALA C 14 7.39 0.00 -5.76
C ALA C 14 6.65 0.72 -6.87
N PRO C 15 5.51 1.33 -6.56
CA PRO C 15 4.75 2.03 -7.61
C PRO C 15 5.53 3.20 -8.18
N GLY C 16 5.50 3.32 -9.51
CA GLY C 16 6.12 4.42 -10.19
C GLY C 16 5.44 4.72 -11.51
N PRO C 17 5.75 5.88 -12.09
CA PRO C 17 5.17 6.20 -13.40
C PRO C 17 5.56 5.17 -14.45
N CYS C 18 4.72 5.05 -15.48
CA CYS C 18 4.95 4.12 -16.56
C CYS C 18 5.29 4.88 -17.85
N CYS D 1 0.15 -6.76 17.58
CA CYS D 1 0.04 -5.32 17.39
C CYS D 1 0.23 -4.94 15.94
N GLY D 2 -0.86 -4.54 15.29
CA GLY D 2 -0.82 -4.18 13.89
C GLY D 2 0.24 -3.13 13.64
N PRO D 3 0.76 -3.05 12.42
CA PRO D 3 1.82 -2.09 12.15
C PRO D 3 1.37 -0.68 12.54
N ILE D 4 2.34 0.20 12.70
CA ILE D 4 2.08 1.58 13.11
C ILE D 4 2.90 2.53 12.25
N PRO D 5 2.49 3.80 12.19
CA PRO D 5 3.15 4.75 11.28
C PRO D 5 4.50 5.15 11.81
N VAL D 6 5.56 4.74 11.09
CA VAL D 6 6.93 4.93 11.53
C VAL D 6 7.62 5.89 10.55
N LEU D 7 8.30 6.89 11.09
CA LEU D 7 8.91 7.92 10.27
C LEU D 7 10.14 7.35 9.59
N ASP D 8 10.15 7.37 8.26
CA ASP D 8 11.28 6.93 7.48
C ASP D 8 12.19 8.13 7.18
N GLU D 9 13.22 7.91 6.37
CA GLU D 9 14.21 8.96 6.16
C GLU D 9 13.63 10.26 5.65
N ASN D 10 12.65 10.20 4.74
CA ASN D 10 12.15 11.43 4.12
C ASN D 10 11.04 12.10 4.92
N GLY D 11 10.94 11.85 6.22
CA GLY D 11 9.97 12.55 7.02
C GLY D 11 8.53 12.15 6.79
N LEU D 12 8.29 11.07 6.06
CA LEU D 12 6.95 10.53 5.88
C LEU D 12 6.86 9.19 6.60
N PHE D 13 5.64 8.67 6.70
CA PHE D 13 5.40 7.47 7.48
C PHE D 13 5.37 6.24 6.59
N ALA D 14 5.77 5.11 7.17
CA ALA D 14 5.74 3.82 6.51
C ALA D 14 5.37 2.80 7.54
N PRO D 15 4.81 1.64 7.12
CA PRO D 15 4.45 0.61 8.08
C PRO D 15 5.68 0.08 8.78
N GLY D 16 5.58 -0.06 10.09
CA GLY D 16 6.67 -0.61 10.88
C GLY D 16 6.16 -1.29 12.12
N PRO D 17 7.02 -2.07 12.78
CA PRO D 17 6.61 -2.75 14.01
C PRO D 17 6.13 -1.79 15.08
N CYS D 18 5.32 -2.34 15.99
CA CYS D 18 4.74 -1.60 17.12
C CYS D 18 5.44 -2.02 18.40
#